data_7OLX
#
_entry.id   7OLX
#
_cell.length_a   91.979
_cell.length_b   94.598
_cell.length_c   71.822
_cell.angle_alpha   90.000
_cell.angle_beta   90.000
_cell.angle_gamma   90.000
#
_symmetry.space_group_name_H-M   'C 2 2 21'
#
loop_
_entity.id
_entity.type
_entity.pdbx_description
1 polymer 'Tyrosine-protein kinase Mer'
2 non-polymer ~{N}-[[3-[4-[(dimethylamino)methyl]phenyl]imidazo[1,2-a]pyridin-6-yl]methyl]-~{N}-methyl-5-[3-methyl-5-(1,3,5-trimethylpyrazol-4-yl)pyridin-2-yl]-1,3,4-oxadiazol-2-amine
3 non-polymer 'CHLORIDE ION'
4 water water
#
_entity_poly.entity_id   1
_entity_poly.type   'polypeptide(L)'
_entity_poly.pdbx_seq_one_letter_code
;GSHMEELQNKLEDVVIDRNLLILGRILGEGEFGSVMEGNLKQEDGTSLKVAVKTMKLDNSSQREIEEFLSEAACMKDFSH
PNVIRLLGVCIEMSSQGIPKPMVILPFMKYGDLHTYLLYSRLETGPRHIPLQTLLRFMVDIALGMEYLSNRNFLHRDLAA
RNCMLRDDMTVCVADFGLSKKIYSGDYYRQGRIAKMPVKWIAIESLADRVYTSKSDVWAFGVTMWEIATRGMTPYPGVQN
HEMYDYLLHGHRLKQPEDCLDELYEIMYSCWRTDPLDRPTFSVLRLQLERLLESLPDV
;
_entity_poly.pdbx_strand_id   A
#
# COMPACT_ATOMS: atom_id res chain seq x y z
N GLY A 1 -28.71 -10.67 -11.96
CA GLY A 1 -27.74 -11.60 -12.63
C GLY A 1 -26.62 -12.07 -11.72
N SER A 2 -25.53 -12.56 -12.33
CA SER A 2 -24.34 -13.01 -11.59
C SER A 2 -23.49 -11.82 -11.12
N HIS A 3 -23.38 -10.77 -11.94
CA HIS A 3 -22.65 -9.55 -11.58
C HIS A 3 -23.24 -8.89 -10.33
N MET A 4 -24.57 -8.77 -10.31
CA MET A 4 -25.29 -8.24 -9.14
C MET A 4 -25.27 -9.23 -7.96
N GLU A 5 -25.34 -10.52 -8.27
CA GLU A 5 -25.27 -11.59 -7.26
C GLU A 5 -23.94 -11.57 -6.49
N GLU A 6 -22.84 -11.53 -7.25
CA GLU A 6 -21.48 -11.44 -6.70
C GLU A 6 -21.29 -10.18 -5.85
N LEU A 7 -21.83 -9.05 -6.31
CA LEU A 7 -21.80 -7.78 -5.54
C LEU A 7 -22.55 -7.90 -4.21
N GLN A 8 -23.79 -8.40 -4.26
CA GLN A 8 -24.60 -8.53 -3.04
C GLN A 8 -24.04 -9.54 -2.03
N ASN A 9 -23.38 -10.59 -2.53
CA ASN A 9 -22.69 -11.55 -1.66
C ASN A 9 -21.56 -10.89 -0.88
N LYS A 10 -20.69 -10.18 -1.60
CA LYS A 10 -19.60 -9.42 -0.98
C LYS A 10 -20.05 -8.38 0.06
N LEU A 11 -21.15 -7.67 -0.22
CA LEU A 11 -21.68 -6.64 0.69
C LEU A 11 -22.19 -7.21 2.02
N GLU A 12 -22.58 -8.49 2.02
CA GLU A 12 -23.06 -9.18 3.22
C GLU A 12 -21.97 -9.31 4.29
N ASP A 13 -20.78 -9.76 3.87
CA ASP A 13 -19.70 -10.08 4.80
C ASP A 13 -18.97 -8.86 5.40
N VAL A 14 -19.13 -7.67 4.81
CA VAL A 14 -18.24 -6.55 5.08
C VAL A 14 -18.51 -5.73 6.34
N VAL A 15 -19.78 -5.64 6.76
CA VAL A 15 -20.15 -4.80 7.92
C VAL A 15 -19.89 -5.52 9.25
N ILE A 16 -19.43 -4.78 10.25
CA ILE A 16 -19.23 -5.28 11.61
C ILE A 16 -20.11 -4.47 12.56
N ASP A 17 -20.80 -5.15 13.49
CA ASP A 17 -21.59 -4.45 14.51
C ASP A 17 -20.65 -3.65 15.41
N ARG A 18 -20.97 -2.37 15.58
CA ARG A 18 -20.20 -1.45 16.44
C ARG A 18 -19.98 -1.96 17.89
N ASN A 19 -20.95 -2.71 18.41
CA ASN A 19 -20.85 -3.30 19.76
C ASN A 19 -19.78 -4.40 19.91
N LEU A 20 -19.37 -5.02 18.81
CA LEU A 20 -18.24 -5.96 18.81
C LEU A 20 -16.86 -5.27 18.84
N LEU A 21 -16.85 -3.94 18.93
CA LEU A 21 -15.64 -3.14 18.74
C LEU A 21 -15.43 -2.16 19.90
N ILE A 22 -14.25 -2.22 20.51
CA ILE A 22 -13.83 -1.28 21.55
C ILE A 22 -12.70 -0.44 20.98
N LEU A 23 -12.82 0.88 21.07
CA LEU A 23 -11.78 1.79 20.60
C LEU A 23 -10.79 2.04 21.73
N GLY A 24 -9.55 2.29 21.35
CA GLY A 24 -8.48 2.58 22.29
C GLY A 24 -7.93 3.97 22.00
N ARG A 25 -6.63 4.12 22.22
CA ARG A 25 -5.93 5.38 22.04
C ARG A 25 -5.63 5.72 20.57
N ILE A 26 -5.43 7.00 20.30
CA ILE A 26 -5.16 7.49 18.95
C ILE A 26 -3.68 7.30 18.61
N LEU A 27 -3.42 6.58 17.52
CA LEU A 27 -2.07 6.34 17.04
C LEU A 27 -1.61 7.41 16.05
N GLY A 28 -2.51 7.84 15.17
CA GLY A 28 -2.26 8.89 14.20
C GLY A 28 -3.54 9.66 13.92
N GLU A 29 -3.40 10.89 13.46
CA GLU A 29 -4.54 11.79 13.28
C GLU A 29 -4.15 12.95 12.38
N GLY A 30 -5.04 13.32 11.46
CA GLY A 30 -4.75 14.41 10.52
C GLY A 30 -5.99 14.95 9.81
N GLU A 31 -5.78 15.41 8.58
CA GLU A 31 -6.85 15.99 7.77
C GLU A 31 -7.85 14.94 7.28
N PHE A 32 -7.35 13.80 6.80
CA PHE A 32 -8.19 12.71 6.29
C PHE A 32 -9.05 12.05 7.36
N GLY A 33 -8.46 11.81 8.54
CA GLY A 33 -9.18 11.24 9.66
C GLY A 33 -8.30 10.86 10.84
N SER A 34 -8.48 9.63 11.36
CA SER A 34 -7.71 9.13 12.50
C SER A 34 -7.49 7.64 12.43
N VAL A 35 -6.36 7.20 13.00
CA VAL A 35 -6.08 5.79 13.22
C VAL A 35 -5.97 5.55 14.72
N MET A 36 -6.70 4.55 15.20
CA MET A 36 -6.76 4.19 16.61
C MET A 36 -6.51 2.70 16.78
N GLU A 37 -6.00 2.34 17.94
CA GLU A 37 -5.96 0.94 18.34
C GLU A 37 -7.37 0.55 18.78
N GLY A 38 -7.68 -0.74 18.70
CA GLY A 38 -8.99 -1.23 19.13
C GLY A 38 -8.97 -2.71 19.43
N ASN A 39 -10.11 -3.20 19.93
CA ASN A 39 -10.34 -4.63 20.12
C ASN A 39 -11.58 -5.04 19.37
N LEU A 40 -11.49 -6.15 18.64
CA LEU A 40 -12.63 -6.72 17.93
C LEU A 40 -12.97 -8.02 18.58
N LYS A 41 -14.19 -8.13 19.11
CA LYS A 41 -14.66 -9.38 19.71
C LYS A 41 -15.06 -10.27 18.56
N GLN A 42 -14.45 -11.45 18.49
CA GLN A 42 -14.67 -12.38 17.38
C GLN A 42 -15.75 -13.43 17.69
N GLU A 43 -16.15 -14.17 16.65
CA GLU A 43 -17.20 -15.20 16.73
C GLU A 43 -16.84 -16.36 17.66
N ASP A 44 -15.54 -16.59 17.85
CA ASP A 44 -15.02 -17.60 18.80
C ASP A 44 -14.90 -17.13 20.26
N GLY A 45 -15.44 -15.95 20.60
CA GLY A 45 -15.44 -15.45 21.98
C GLY A 45 -14.29 -14.50 22.32
N THR A 46 -13.08 -14.83 21.86
CA THR A 46 -11.88 -14.02 22.15
C THR A 46 -11.83 -12.71 21.39
N SER A 47 -11.06 -11.77 21.93
CA SER A 47 -10.83 -10.46 21.30
C SER A 47 -9.51 -10.44 20.51
N LEU A 48 -9.49 -9.63 19.46
CA LEU A 48 -8.34 -9.45 18.59
C LEU A 48 -7.93 -7.99 18.63
N LYS A 49 -6.63 -7.72 18.73
CA LYS A 49 -6.17 -6.34 18.61
C LYS A 49 -6.28 -5.90 17.14
N VAL A 50 -6.84 -4.72 16.93
CA VAL A 50 -7.04 -4.16 15.60
C VAL A 50 -6.61 -2.71 15.51
N ALA A 51 -6.37 -2.27 14.28
CA ALA A 51 -6.22 -0.85 13.96
C ALA A 51 -7.55 -0.40 13.34
N VAL A 52 -8.02 0.77 13.78
CA VAL A 52 -9.29 1.31 13.35
C VAL A 52 -9.02 2.66 12.69
N LYS A 53 -9.33 2.75 11.39
CA LYS A 53 -9.16 4.00 10.64
C LYS A 53 -10.51 4.66 10.38
N THR A 54 -10.70 5.86 10.93
CA THR A 54 -11.90 6.66 10.67
C THR A 54 -11.63 7.64 9.54
N MET A 55 -12.59 7.80 8.64
CA MET A 55 -12.42 8.62 7.42
C MET A 55 -13.56 9.62 7.27
N LYS A 56 -13.25 10.81 6.73
CA LYS A 56 -14.24 11.88 6.51
C LYS A 56 -15.40 11.46 5.59
N ASN A 59 -17.74 14.85 0.70
CA ASN A 59 -18.96 14.18 0.27
C ASN A 59 -19.58 13.33 1.39
N SER A 60 -20.42 13.98 2.22
CA SER A 60 -21.06 13.34 3.38
C SER A 60 -22.34 12.54 3.07
N SER A 61 -22.78 12.55 1.81
CA SER A 61 -24.08 12.01 1.42
C SER A 61 -24.18 10.48 1.48
N GLN A 62 -25.41 9.99 1.43
CA GLN A 62 -25.71 8.54 1.38
C GLN A 62 -25.08 7.85 0.16
N ARG A 63 -25.01 8.58 -0.97
CA ARG A 63 -24.38 8.08 -2.20
C ARG A 63 -22.90 7.72 -1.93
N GLU A 64 -22.17 8.65 -1.31
CA GLU A 64 -20.76 8.44 -0.96
C GLU A 64 -20.55 7.24 -0.01
N ILE A 65 -21.46 7.07 0.96
CA ILE A 65 -21.43 5.93 1.88
C ILE A 65 -21.65 4.60 1.18
N GLU A 66 -22.56 4.58 0.22
CA GLU A 66 -22.83 3.38 -0.59
C GLU A 66 -21.63 2.99 -1.45
N GLU A 67 -20.96 3.99 -2.04
CA GLU A 67 -19.70 3.79 -2.78
C GLU A 67 -18.60 3.21 -1.91
N PHE A 68 -18.47 3.76 -0.71
CA PHE A 68 -17.52 3.29 0.30
C PHE A 68 -17.76 1.83 0.68
N LEU A 69 -19.01 1.48 0.99
CA LEU A 69 -19.37 0.11 1.36
C LEU A 69 -19.11 -0.89 0.23
N SER A 70 -19.41 -0.48 -0.99
CA SER A 70 -19.18 -1.30 -2.19
C SER A 70 -17.69 -1.54 -2.43
N GLU A 71 -16.93 -0.44 -2.40
CA GLU A 71 -15.48 -0.51 -2.54
C GLU A 71 -14.88 -1.37 -1.43
N ALA A 72 -15.36 -1.19 -0.20
CA ALA A 72 -14.92 -1.99 0.95
C ALA A 72 -15.21 -3.47 0.78
N ALA A 73 -16.35 -3.79 0.18
CA ALA A 73 -16.74 -5.17 -0.13
C ALA A 73 -15.71 -5.87 -1.04
N CYS A 74 -15.31 -5.17 -2.10
CA CYS A 74 -14.26 -5.65 -3.00
C CYS A 74 -12.92 -5.90 -2.27
N MET A 75 -12.50 -4.94 -1.43
CA MET A 75 -11.23 -5.06 -0.70
C MET A 75 -11.26 -6.16 0.35
N LYS A 76 -12.42 -6.34 0.98
CA LYS A 76 -12.66 -7.43 1.93
C LYS A 76 -12.50 -8.81 1.28
N ASP A 77 -12.76 -8.85 -0.02
CA ASP A 77 -12.63 -10.07 -0.81
C ASP A 77 -11.19 -10.50 -1.11
N PHE A 78 -10.21 -9.59 -0.99
CA PHE A 78 -8.80 -9.95 -1.24
C PHE A 78 -8.35 -11.01 -0.24
N SER A 79 -7.58 -11.97 -0.71
CA SER A 79 -7.02 -13.00 0.16
C SER A 79 -5.65 -13.42 -0.37
N HIS A 80 -4.61 -12.79 0.18
CA HIS A 80 -3.22 -13.04 -0.20
C HIS A 80 -2.35 -12.60 0.99
N PRO A 81 -1.28 -13.36 1.32
CA PRO A 81 -0.46 -13.01 2.48
C PRO A 81 0.34 -11.69 2.37
N ASN A 82 0.49 -11.15 1.18
CA ASN A 82 1.14 -9.85 0.91
C ASN A 82 0.18 -8.71 0.54
N VAL A 83 -1.11 -8.88 0.88
CA VAL A 83 -2.10 -7.83 0.77
C VAL A 83 -2.76 -7.73 2.11
N ILE A 84 -2.87 -6.52 2.67
CA ILE A 84 -3.51 -6.37 3.98
C ILE A 84 -4.96 -6.89 3.90
N ARG A 85 -5.40 -7.64 4.91
CA ARG A 85 -6.76 -8.15 4.92
C ARG A 85 -7.66 -7.17 5.65
N LEU A 86 -8.64 -6.62 4.95
CA LEU A 86 -9.65 -5.77 5.56
C LEU A 86 -10.60 -6.66 6.38
N LEU A 87 -10.69 -6.44 7.69
CA LEU A 87 -11.55 -7.29 8.56
C LEU A 87 -13.03 -6.90 8.48
N GLY A 88 -13.31 -5.62 8.22
CA GLY A 88 -14.67 -5.17 8.02
C GLY A 88 -14.75 -3.67 8.15
N VAL A 89 -15.97 -3.15 8.10
CA VAL A 89 -16.22 -1.72 8.28
C VAL A 89 -17.36 -1.49 9.27
N CYS A 90 -17.28 -0.38 10.00
CA CYS A 90 -18.37 0.12 10.85
C CYS A 90 -18.63 1.58 10.48
N ILE A 91 -19.91 1.95 10.39
CA ILE A 91 -20.29 3.33 10.16
C ILE A 91 -20.92 3.86 11.46
N GLU A 92 -20.14 4.62 12.21
CA GLU A 92 -20.66 5.35 13.36
C GLU A 92 -21.26 6.66 12.85
N MET A 93 -22.18 7.24 13.63
CA MET A 93 -22.87 8.49 13.25
C MET A 93 -22.47 9.65 14.15
N SER A 94 -22.52 10.87 13.60
CA SER A 94 -22.26 12.10 14.36
C SER A 94 -23.56 12.77 14.79
N SER A 95 -23.43 13.69 15.76
CA SER A 95 -24.57 14.46 16.28
C SER A 95 -25.18 15.41 15.24
N GLN A 96 -24.36 15.94 14.32
CA GLN A 96 -24.86 16.77 13.22
C GLN A 96 -25.50 15.97 12.06
N GLY A 97 -25.66 14.65 12.22
CA GLY A 97 -26.22 13.77 11.20
C GLY A 97 -25.21 13.19 10.22
N ILE A 98 -23.93 13.53 10.39
CA ILE A 98 -22.88 13.18 9.42
C ILE A 98 -22.34 11.78 9.76
N PRO A 99 -22.47 10.81 8.82
CA PRO A 99 -21.98 9.45 9.11
C PRO A 99 -20.46 9.33 8.98
N LYS A 100 -19.85 8.57 9.91
CA LYS A 100 -18.40 8.44 10.02
C LYS A 100 -17.97 6.98 9.77
N PRO A 101 -17.48 6.67 8.55
CA PRO A 101 -17.02 5.30 8.28
C PRO A 101 -15.70 4.93 8.97
N MET A 102 -15.63 3.70 9.47
CA MET A 102 -14.47 3.18 10.17
C MET A 102 -14.02 1.89 9.53
N VAL A 103 -12.73 1.79 9.22
CA VAL A 103 -12.15 0.61 8.59
C VAL A 103 -11.37 -0.16 9.66
N ILE A 104 -11.66 -1.46 9.77
CA ILE A 104 -11.04 -2.33 10.78
C ILE A 104 -9.99 -3.21 10.12
N LEU A 105 -8.76 -3.15 10.66
CA LEU A 105 -7.60 -3.81 10.08
C LEU A 105 -6.85 -4.59 11.15
N PRO A 106 -6.11 -5.65 10.76
CA PRO A 106 -5.22 -6.30 11.74
C PRO A 106 -4.17 -5.32 12.23
N PHE A 107 -3.84 -5.40 13.50
CA PHE A 107 -2.86 -4.51 14.09
C PHE A 107 -1.47 -5.01 13.72
N MET A 108 -0.64 -4.08 13.21
CA MET A 108 0.73 -4.37 12.78
C MET A 108 1.70 -3.61 13.69
N LYS A 109 2.18 -4.27 14.75
CA LYS A 109 3.01 -3.59 15.75
C LYS A 109 4.33 -3.03 15.20
N TYR A 110 4.91 -3.67 14.19
CA TYR A 110 6.12 -3.14 13.52
C TYR A 110 5.86 -1.97 12.58
N GLY A 111 4.61 -1.66 12.29
CA GLY A 111 4.24 -0.44 11.58
C GLY A 111 4.53 -0.53 10.09
N ASP A 112 4.65 0.64 9.46
CA ASP A 112 4.86 0.73 8.03
C ASP A 112 6.33 0.54 7.68
N LEU A 113 6.57 0.13 6.44
CA LEU A 113 7.92 -0.20 6.00
C LEU A 113 8.87 1.01 5.91
N HIS A 114 8.34 2.17 5.53
CA HIS A 114 9.15 3.37 5.39
C HIS A 114 9.77 3.78 6.72
N THR A 115 8.93 3.89 7.76
CA THR A 115 9.39 4.23 9.10
C THR A 115 10.38 3.20 9.64
N TYR A 116 10.09 1.92 9.42
CA TYR A 116 10.99 0.84 9.80
C TYR A 116 12.38 0.96 9.16
N LEU A 117 12.43 1.32 7.88
CA LEU A 117 13.70 1.54 7.19
C LEU A 117 14.50 2.69 7.82
N LEU A 118 13.80 3.78 8.15
CA LEU A 118 14.42 4.93 8.79
C LEU A 118 14.90 4.61 10.21
N TYR A 119 14.07 3.92 11.00
CA TYR A 119 14.46 3.49 12.35
C TYR A 119 15.68 2.57 12.35
N SER A 120 15.83 1.78 11.27
CA SER A 120 16.98 0.88 11.13
C SER A 120 18.32 1.57 11.00
N ARG A 121 18.32 2.87 10.70
CA ARG A 121 19.54 3.68 10.68
C ARG A 121 19.83 4.37 12.00
N LEU A 122 19.00 4.11 13.01
CA LEU A 122 19.16 4.64 14.36
C LEU A 122 19.56 3.50 15.29
N GLU A 123 20.37 3.80 16.29
CA GLU A 123 20.93 2.78 17.20
C GLU A 123 19.87 1.95 17.91
N THR A 124 18.86 2.63 18.48
CA THR A 124 17.80 1.97 19.25
C THR A 124 16.75 1.26 18.40
N GLY A 125 16.69 1.53 17.11
CA GLY A 125 15.72 0.89 16.23
C GLY A 125 16.07 -0.55 15.92
N PRO A 126 15.37 -1.16 14.93
CA PRO A 126 15.81 -2.47 14.43
C PRO A 126 17.21 -2.41 13.85
N ARG A 127 17.89 -3.53 13.83
CA ARG A 127 19.28 -3.60 13.38
C ARG A 127 19.39 -3.21 11.92
N HIS A 128 20.63 -2.98 11.49
CA HIS A 128 20.95 -2.78 10.08
C HIS A 128 20.27 -3.86 9.23
N ILE A 129 19.68 -3.46 8.11
CA ILE A 129 18.94 -4.40 7.26
C ILE A 129 19.85 -4.83 6.12
N PRO A 130 20.19 -6.13 6.03
CA PRO A 130 21.03 -6.56 4.90
C PRO A 130 20.28 -6.56 3.57
N LEU A 131 21.05 -6.62 2.48
CA LEU A 131 20.52 -6.65 1.13
C LEU A 131 19.49 -7.76 0.89
N GLN A 132 19.73 -8.94 1.46
CA GLN A 132 18.81 -10.07 1.31
C GLN A 132 17.42 -9.76 1.84
N THR A 133 17.36 -9.07 2.97
CA THR A 133 16.11 -8.66 3.57
C THR A 133 15.41 -7.54 2.74
N LEU A 134 16.18 -6.55 2.29
CA LEU A 134 15.61 -5.50 1.44
C LEU A 134 14.99 -6.10 0.18
N LEU A 135 15.71 -7.01 -0.47
CA LEU A 135 15.17 -7.72 -1.64
C LEU A 135 13.92 -8.52 -1.31
N ARG A 136 13.91 -9.18 -0.17
CA ARG A 136 12.74 -9.91 0.29
C ARG A 136 11.51 -9.00 0.48
N PHE A 137 11.71 -7.77 0.95
CA PHE A 137 10.64 -6.79 1.07
C PHE A 137 10.05 -6.49 -0.30
N MET A 138 10.93 -6.35 -1.30
CA MET A 138 10.52 -6.04 -2.65
C MET A 138 9.77 -7.22 -3.31
N VAL A 139 10.26 -8.44 -3.08
CA VAL A 139 9.59 -9.65 -3.56
C VAL A 139 8.17 -9.74 -2.98
N ASP A 140 8.07 -9.59 -1.67
CA ASP A 140 6.78 -9.57 -0.97
C ASP A 140 5.78 -8.56 -1.55
N ILE A 141 6.26 -7.35 -1.84
CA ILE A 141 5.43 -6.32 -2.42
C ILE A 141 5.03 -6.67 -3.86
N ALA A 142 5.98 -7.19 -4.63
CA ALA A 142 5.72 -7.62 -6.00
C ALA A 142 4.68 -8.75 -6.03
N LEU A 143 4.76 -9.67 -5.08
CA LEU A 143 3.74 -10.72 -4.90
C LEU A 143 2.33 -10.15 -4.65
N GLY A 144 2.23 -9.18 -3.73
CA GLY A 144 0.96 -8.56 -3.42
C GLY A 144 0.38 -7.81 -4.60
N MET A 145 1.24 -7.09 -5.31
CA MET A 145 0.78 -6.35 -6.47
C MET A 145 0.42 -7.23 -7.65
N GLU A 146 1.16 -8.33 -7.82
CA GLU A 146 0.85 -9.37 -8.82
C GLU A 146 -0.55 -9.91 -8.59
N TYR A 147 -0.86 -10.26 -7.34
CA TYR A 147 -2.20 -10.68 -6.96
C TYR A 147 -3.23 -9.60 -7.32
N LEU A 148 -2.97 -8.35 -6.92
CA LEU A 148 -3.92 -7.28 -7.14
C LEU A 148 -4.18 -7.02 -8.63
N SER A 149 -3.13 -6.97 -9.45
CA SER A 149 -3.31 -6.69 -10.89
C SER A 149 -3.93 -7.89 -11.66
N ASN A 150 -3.71 -9.11 -11.19
CA ASN A 150 -4.44 -10.29 -11.72
C ASN A 150 -5.94 -10.11 -11.68
N ARG A 151 -6.43 -9.57 -10.56
CA ARG A 151 -7.87 -9.30 -10.41
C ARG A 151 -8.21 -7.84 -10.70
N ASN A 152 -7.41 -7.19 -11.55
CA ASN A 152 -7.68 -5.86 -12.08
C ASN A 152 -7.95 -4.77 -11.06
N PHE A 153 -7.30 -4.88 -9.90
CA PHE A 153 -7.40 -3.84 -8.89
C PHE A 153 -6.17 -2.94 -9.00
N LEU A 154 -6.42 -1.65 -9.13
CA LEU A 154 -5.38 -0.64 -9.15
C LEU A 154 -5.24 -0.11 -7.73
N HIS A 155 -4.02 -0.09 -7.23
CA HIS A 155 -3.70 0.37 -5.87
C HIS A 155 -3.83 1.89 -5.79
N ARG A 156 -3.17 2.60 -6.70
CA ARG A 156 -3.22 4.08 -6.84
C ARG A 156 -2.37 4.91 -5.85
N ASP A 157 -1.76 4.28 -4.86
CA ASP A 157 -0.92 4.99 -3.88
C ASP A 157 0.13 4.05 -3.27
N LEU A 158 0.81 3.30 -4.15
CA LEU A 158 1.85 2.39 -3.73
C LEU A 158 3.09 3.20 -3.36
N ALA A 159 3.58 2.97 -2.14
CA ALA A 159 4.76 3.63 -1.58
C ALA A 159 5.13 2.85 -0.33
N ALA A 160 6.38 3.00 0.12
CA ALA A 160 6.87 2.29 1.31
C ALA A 160 6.07 2.62 2.57
N ARG A 161 5.57 3.86 2.67
CA ARG A 161 4.70 4.25 3.78
C ARG A 161 3.35 3.51 3.79
N ASN A 162 2.91 3.00 2.64
CA ASN A 162 1.69 2.21 2.54
C ASN A 162 1.89 0.70 2.47
N CYS A 163 3.12 0.24 2.75
CA CYS A 163 3.40 -1.17 2.94
C CYS A 163 3.59 -1.45 4.42
N MET A 164 2.97 -2.51 4.91
CA MET A 164 2.97 -2.81 6.34
C MET A 164 3.77 -4.07 6.64
N LEU A 165 4.45 -4.06 7.78
CA LEU A 165 5.21 -5.22 8.24
C LEU A 165 4.39 -6.00 9.24
N ARG A 166 4.18 -7.28 8.93
CA ARG A 166 3.55 -8.22 9.86
C ARG A 166 4.57 -8.73 10.86
N ASP A 167 4.07 -9.45 11.86
CA ASP A 167 4.89 -9.98 12.97
C ASP A 167 6.01 -10.95 12.50
N ASP A 168 5.78 -11.67 11.42
CA ASP A 168 6.81 -12.55 10.83
C ASP A 168 7.74 -11.81 9.84
N MET A 169 7.66 -10.47 9.82
CA MET A 169 8.41 -9.60 8.90
C MET A 169 8.04 -9.77 7.42
N THR A 170 6.86 -10.31 7.15
CA THR A 170 6.30 -10.34 5.81
C THR A 170 5.74 -8.96 5.52
N VAL A 171 5.99 -8.45 4.32
CA VAL A 171 5.44 -7.17 3.91
C VAL A 171 4.13 -7.40 3.19
N CYS A 172 3.13 -6.59 3.50
CA CYS A 172 1.88 -6.58 2.73
C CYS A 172 1.58 -5.18 2.27
N VAL A 173 1.02 -5.09 1.06
CA VAL A 173 0.57 -3.82 0.51
C VAL A 173 -0.74 -3.41 1.18
N ALA A 174 -0.89 -2.11 1.42
CA ALA A 174 -1.99 -1.60 2.23
C ALA A 174 -2.39 -0.21 1.77
N ASP A 175 -3.37 0.36 2.46
CA ASP A 175 -3.67 1.79 2.40
C ASP A 175 -3.91 2.22 0.96
N PHE A 176 -4.80 1.49 0.30
CA PHE A 176 -5.08 1.66 -1.12
C PHE A 176 -5.57 3.08 -1.42
N GLY A 177 -5.09 3.64 -2.53
CA GLY A 177 -5.46 4.99 -2.95
C GLY A 177 -6.82 4.98 -3.61
N PRO A 197 1.32 12.91 -3.26
CA PRO A 197 2.29 11.87 -3.56
C PRO A 197 2.80 11.95 -5.02
N VAL A 198 3.09 13.17 -5.47
CA VAL A 198 3.50 13.47 -6.86
C VAL A 198 4.71 12.67 -7.35
N LYS A 199 5.68 12.46 -6.46
CA LYS A 199 6.94 11.78 -6.83
C LYS A 199 6.82 10.25 -7.01
N TRP A 200 5.63 9.69 -6.76
CA TRP A 200 5.34 8.28 -7.04
C TRP A 200 4.47 8.09 -8.30
N ILE A 201 4.06 9.18 -8.93
CA ILE A 201 3.06 9.12 -10.01
C ILE A 201 3.76 9.05 -11.36
N ALA A 202 3.38 8.05 -12.17
CA ALA A 202 3.94 7.87 -13.52
C ALA A 202 3.73 9.10 -14.39
N ILE A 203 4.65 9.28 -15.33
CA ILE A 203 4.65 10.45 -16.21
C ILE A 203 3.33 10.64 -16.98
N GLU A 204 2.76 9.55 -17.47
CA GLU A 204 1.50 9.61 -18.24
C GLU A 204 0.33 10.00 -17.35
N SER A 205 0.39 9.63 -16.06
CA SER A 205 -0.65 9.93 -15.08
C SER A 205 -0.56 11.36 -14.57
N LEU A 206 0.64 11.95 -14.59
CA LEU A 206 0.80 13.39 -14.38
C LEU A 206 0.22 14.16 -15.58
N ALA A 207 0.51 13.66 -16.79
CA ALA A 207 0.03 14.26 -18.03
C ALA A 207 -1.48 14.16 -18.21
N ASP A 208 -1.98 12.96 -18.51
CA ASP A 208 -3.36 12.79 -18.99
C ASP A 208 -4.39 12.44 -17.91
N ARG A 209 -3.98 12.43 -16.64
CA ARG A 209 -4.83 11.94 -15.53
C ARG A 209 -5.31 10.49 -15.74
N VAL A 210 -4.49 9.70 -16.44
CA VAL A 210 -4.80 8.30 -16.81
C VAL A 210 -4.02 7.36 -15.89
N TYR A 211 -4.64 6.24 -15.52
CA TYR A 211 -4.01 5.33 -14.55
C TYR A 211 -4.30 3.84 -14.81
N THR A 212 -3.25 3.08 -15.13
CA THR A 212 -3.34 1.64 -15.36
C THR A 212 -2.50 0.88 -14.33
N SER A 213 -2.49 -0.45 -14.44
CA SER A 213 -1.55 -1.29 -13.69
C SER A 213 -0.06 -0.96 -13.97
N LYS A 214 0.21 -0.38 -15.14
CA LYS A 214 1.56 0.07 -15.48
C LYS A 214 1.93 1.37 -14.75
N SER A 215 0.95 2.18 -14.38
CA SER A 215 1.17 3.29 -13.46
C SER A 215 1.56 2.77 -12.07
N ASP A 216 0.89 1.72 -11.62
CA ASP A 216 1.26 1.03 -10.37
C ASP A 216 2.67 0.46 -10.45
N VAL A 217 3.07 -0.05 -11.62
CA VAL A 217 4.42 -0.57 -11.82
C VAL A 217 5.48 0.53 -11.61
N TRP A 218 5.20 1.73 -12.13
CA TRP A 218 6.08 2.90 -11.95
C TRP A 218 6.26 3.21 -10.47
N ALA A 219 5.14 3.34 -9.77
CA ALA A 219 5.13 3.53 -8.32
C ALA A 219 5.92 2.46 -7.59
N PHE A 220 5.86 1.23 -8.08
CA PHE A 220 6.59 0.11 -7.49
C PHE A 220 8.09 0.30 -7.61
N GLY A 221 8.54 0.76 -8.77
CA GLY A 221 9.93 1.10 -8.98
C GLY A 221 10.42 2.14 -8.00
N VAL A 222 9.58 3.16 -7.76
CA VAL A 222 9.92 4.23 -6.80
C VAL A 222 9.99 3.61 -5.41
N THR A 223 9.04 2.73 -5.09
CA THR A 223 9.06 2.02 -3.83
C THR A 223 10.31 1.15 -3.67
N MET A 224 10.75 0.49 -4.75
CA MET A 224 12.01 -0.27 -4.72
C MET A 224 13.20 0.64 -4.37
N TRP A 225 13.21 1.82 -4.99
CA TRP A 225 14.25 2.83 -4.75
C TRP A 225 14.23 3.31 -3.28
N GLU A 226 13.04 3.58 -2.73
CA GLU A 226 12.90 3.91 -1.30
C GLU A 226 13.50 2.87 -0.38
N ILE A 227 13.31 1.60 -0.73
CA ILE A 227 13.78 0.49 0.10
C ILE A 227 15.31 0.37 -0.01
N ALA A 228 15.84 0.51 -1.22
CA ALA A 228 17.28 0.39 -1.47
C ALA A 228 18.09 1.58 -0.90
N THR A 229 17.48 2.76 -0.83
CA THR A 229 18.09 3.93 -0.16
C THR A 229 17.80 3.97 1.34
N ARG A 230 17.07 2.97 1.85
CA ARG A 230 16.67 2.88 3.24
C ARG A 230 15.87 4.10 3.71
N GLY A 231 15.00 4.59 2.82
CA GLY A 231 13.94 5.53 3.17
C GLY A 231 14.14 6.96 2.73
N MET A 232 15.07 7.22 1.80
CA MET A 232 15.22 8.56 1.24
C MET A 232 13.97 8.98 0.50
N THR A 233 13.65 10.27 0.59
CA THR A 233 12.59 10.85 -0.23
C THR A 233 13.06 10.82 -1.70
N PRO A 234 12.19 10.42 -2.63
CA PRO A 234 12.56 10.41 -4.05
C PRO A 234 13.00 11.75 -4.62
N TYR A 235 14.00 11.72 -5.51
CA TYR A 235 14.41 12.90 -6.29
C TYR A 235 14.89 14.06 -5.39
N PRO A 236 15.96 13.82 -4.62
CA PRO A 236 16.52 14.90 -3.81
C PRO A 236 16.93 16.08 -4.69
N GLY A 237 16.62 17.30 -4.26
CA GLY A 237 16.92 18.50 -5.02
C GLY A 237 15.96 18.81 -6.15
N VAL A 238 14.83 18.09 -6.22
CA VAL A 238 13.80 18.33 -7.23
C VAL A 238 12.49 18.58 -6.51
N GLN A 239 11.85 19.71 -6.84
CA GLN A 239 10.60 20.11 -6.20
C GLN A 239 9.44 19.38 -6.83
N ASN A 240 8.37 19.21 -6.07
CA ASN A 240 7.16 18.54 -6.59
C ASN A 240 6.59 19.21 -7.84
N HIS A 241 6.59 20.54 -7.88
CA HIS A 241 6.10 21.29 -9.05
C HIS A 241 7.01 21.14 -10.28
N GLU A 242 8.29 20.82 -10.06
CA GLU A 242 9.25 20.55 -11.13
C GLU A 242 9.16 19.12 -11.72
N MET A 243 8.33 18.26 -11.15
CA MET A 243 8.43 16.81 -11.44
C MET A 243 8.05 16.41 -12.86
N TYR A 244 6.98 16.97 -13.40
CA TYR A 244 6.57 16.67 -14.79
C TYR A 244 7.66 17.01 -15.81
N ASP A 245 8.17 18.25 -15.79
CA ASP A 245 9.22 18.68 -16.73
C ASP A 245 10.51 17.88 -16.56
N TYR A 246 10.86 17.57 -15.32
CA TYR A 246 12.03 16.75 -15.00
C TYR A 246 11.97 15.38 -15.68
N LEU A 247 10.83 14.70 -15.53
CA LEU A 247 10.59 13.40 -16.16
C LEU A 247 10.42 13.50 -17.68
N LEU A 248 9.81 14.60 -18.14
CA LEU A 248 9.64 14.87 -19.57
C LEU A 248 10.96 14.89 -20.34
N HIS A 249 12.02 15.42 -19.72
CA HIS A 249 13.36 15.44 -20.32
C HIS A 249 14.18 14.16 -20.11
N GLY A 250 13.55 13.11 -19.58
CA GLY A 250 14.12 11.78 -19.52
C GLY A 250 14.89 11.44 -18.25
N HIS A 251 14.88 12.36 -17.28
CA HIS A 251 15.61 12.14 -16.02
C HIS A 251 14.83 11.19 -15.15
N ARG A 252 15.54 10.33 -14.43
CA ARG A 252 14.94 9.33 -13.56
C ARG A 252 15.73 9.26 -12.25
N LEU A 253 15.14 8.61 -11.27
CA LEU A 253 15.78 8.35 -9.99
C LEU A 253 17.15 7.74 -10.19
N LYS A 254 18.14 8.29 -9.50
CA LYS A 254 19.53 7.86 -9.66
C LYS A 254 19.76 6.55 -8.93
N GLN A 255 20.79 5.83 -9.36
CA GLN A 255 21.15 4.59 -8.71
C GLN A 255 21.72 4.84 -7.33
N PRO A 256 21.17 4.18 -6.28
CA PRO A 256 21.75 4.35 -4.95
C PRO A 256 23.17 3.81 -4.87
N GLU A 257 23.94 4.30 -3.89
CA GLU A 257 25.32 3.87 -3.69
C GLU A 257 25.31 2.40 -3.24
N ASP A 258 26.24 1.61 -3.79
CA ASP A 258 26.31 0.16 -3.55
C ASP A 258 24.99 -0.59 -3.85
N CYS A 259 24.22 -0.11 -4.83
CA CYS A 259 23.05 -0.83 -5.33
C CYS A 259 23.51 -1.66 -6.52
N LEU A 260 23.18 -2.95 -6.53
CA LEU A 260 23.52 -3.84 -7.64
C LEU A 260 22.94 -3.29 -8.93
N ASP A 261 23.72 -3.36 -10.00
CA ASP A 261 23.29 -2.87 -11.31
C ASP A 261 22.08 -3.65 -11.80
N GLU A 262 22.05 -4.95 -11.48
CA GLU A 262 20.91 -5.83 -11.77
C GLU A 262 19.63 -5.30 -11.11
N LEU A 263 19.72 -5.03 -9.82
CA LEU A 263 18.62 -4.42 -9.08
C LEU A 263 18.22 -3.06 -9.65
N TYR A 264 19.21 -2.23 -9.99
CA TYR A 264 18.91 -0.93 -10.60
C TYR A 264 18.20 -1.04 -11.95
N GLU A 265 18.66 -1.98 -12.79
CA GLU A 265 17.98 -2.27 -14.08
C GLU A 265 16.51 -2.63 -13.90
N ILE A 266 16.23 -3.45 -12.88
CA ILE A 266 14.85 -3.85 -12.59
C ILE A 266 13.99 -2.63 -12.23
N MET A 267 14.47 -1.78 -11.31
CA MET A 267 13.69 -0.59 -10.93
C MET A 267 13.61 0.41 -12.09
N TYR A 268 14.69 0.56 -12.83
CA TYR A 268 14.73 1.45 -14.01
C TYR A 268 13.69 1.05 -15.06
N SER A 269 13.50 -0.26 -15.28
CA SER A 269 12.50 -0.77 -16.24
C SER A 269 11.08 -0.36 -15.88
N CYS A 270 10.81 -0.13 -14.59
CA CYS A 270 9.51 0.37 -14.14
C CYS A 270 9.18 1.81 -14.55
N TRP A 271 10.17 2.59 -15.01
CA TRP A 271 9.95 3.99 -15.37
C TRP A 271 10.17 4.28 -16.85
N ARG A 272 10.11 3.25 -17.70
CA ARG A 272 10.17 3.47 -19.14
C ARG A 272 9.00 4.37 -19.55
N THR A 273 9.26 5.28 -20.49
CA THR A 273 8.31 6.34 -20.83
C THR A 273 7.00 5.80 -21.39
N ASP A 274 7.12 4.85 -22.32
CA ASP A 274 5.98 4.17 -22.91
C ASP A 274 5.50 3.16 -21.88
N PRO A 275 4.26 3.30 -21.36
CA PRO A 275 3.74 2.35 -20.37
C PRO A 275 3.74 0.89 -20.82
N LEU A 276 3.53 0.65 -22.11
CA LEU A 276 3.54 -0.70 -22.66
C LEU A 276 4.92 -1.37 -22.63
N ASP A 277 6.01 -0.58 -22.56
CA ASP A 277 7.36 -1.14 -22.41
C ASP A 277 7.74 -1.59 -21.00
N ARG A 278 7.03 -1.13 -19.97
CA ARG A 278 7.30 -1.54 -18.58
C ARG A 278 6.85 -2.98 -18.41
N PRO A 279 7.61 -3.78 -17.64
CA PRO A 279 7.16 -5.14 -17.39
C PRO A 279 5.92 -5.21 -16.49
N THR A 280 5.28 -6.38 -16.50
CA THR A 280 4.21 -6.67 -15.57
C THR A 280 4.79 -7.00 -14.19
N PHE A 281 3.94 -6.98 -13.18
CA PHE A 281 4.34 -7.36 -11.81
C PHE A 281 4.82 -8.80 -11.72
N SER A 282 4.18 -9.66 -12.51
CA SER A 282 4.56 -11.06 -12.54
C SER A 282 5.98 -11.22 -13.04
N VAL A 283 6.33 -10.49 -14.10
CA VAL A 283 7.68 -10.49 -14.65
C VAL A 283 8.69 -9.95 -13.64
N LEU A 284 8.42 -8.76 -13.11
CA LEU A 284 9.26 -8.16 -12.06
C LEU A 284 9.46 -9.09 -10.87
N ARG A 285 8.39 -9.76 -10.44
CA ARG A 285 8.48 -10.63 -9.30
C ARG A 285 9.44 -11.81 -9.52
N LEU A 286 9.41 -12.38 -10.73
CA LEU A 286 10.35 -13.44 -11.10
C LEU A 286 11.77 -12.94 -11.11
N GLN A 287 11.97 -11.77 -11.68
CA GLN A 287 13.29 -11.16 -11.74
C GLN A 287 13.87 -10.95 -10.35
N LEU A 288 13.05 -10.45 -9.43
CA LEU A 288 13.49 -10.18 -8.06
C LEU A 288 13.82 -11.44 -7.28
N GLU A 289 12.99 -12.48 -7.40
CA GLU A 289 13.27 -13.78 -6.78
C GLU A 289 14.55 -14.42 -7.30
N ARG A 290 14.79 -14.29 -8.60
CA ARG A 290 15.99 -14.84 -9.24
C ARG A 290 17.25 -14.15 -8.70
N LEU A 291 17.23 -12.82 -8.69
CA LEU A 291 18.33 -12.03 -8.12
C LEU A 291 18.57 -12.38 -6.65
N LEU A 292 17.48 -12.52 -5.89
CA LEU A 292 17.56 -12.88 -4.48
C LEU A 292 18.19 -14.26 -4.28
N GLU A 293 17.78 -15.21 -5.12
CA GLU A 293 18.38 -16.55 -5.14
C GLU A 293 19.89 -16.51 -5.35
N SER A 294 20.33 -15.67 -6.30
CA SER A 294 21.75 -15.58 -6.66
C SER A 294 22.69 -14.96 -5.62
N LEU A 295 22.16 -14.39 -4.54
CA LEU A 295 23.00 -13.79 -3.51
C LEU A 295 23.51 -14.87 -2.54
N PRO A 296 24.76 -14.71 -2.05
CA PRO A 296 25.26 -15.56 -0.97
C PRO A 296 24.88 -14.97 0.38
#